data_1P9C
#
_entry.id   1P9C
#
_entity_poly.entity_id   1
_entity_poly.type   'polypeptide(L)'
_entity_poly.pdbx_seq_one_letter_code
;MTISQQEFGRTGLPDLSSMTEEEQIAYAMQMSLQGAEFGQAESAD
;
_entity_poly.pdbx_strand_id   A
#
# COMPACT_ATOMS: atom_id res chain seq x y z
N MET A 1 -16.08 13.83 10.74
CA MET A 1 -14.95 13.09 10.12
C MET A 1 -14.11 14.00 9.24
N THR A 2 -12.81 13.76 9.22
CA THR A 2 -11.90 14.58 8.41
C THR A 2 -10.85 13.70 7.73
N ILE A 3 -10.80 13.78 6.40
CA ILE A 3 -9.85 13.00 5.61
C ILE A 3 -10.09 13.18 4.12
N SER A 4 -11.36 13.34 3.74
CA SER A 4 -11.72 13.52 2.34
C SER A 4 -11.72 12.18 1.60
N GLN A 5 -10.53 11.67 1.31
CA GLN A 5 -10.39 10.39 0.62
C GLN A 5 -10.46 10.58 -0.90
N GLN A 6 -11.44 11.36 -1.35
CA GLN A 6 -11.61 11.61 -2.77
C GLN A 6 -11.71 13.11 -3.05
N GLU A 7 -11.71 13.46 -4.34
CA GLU A 7 -11.80 14.86 -4.75
C GLU A 7 -10.94 15.75 -3.85
N PHE A 8 -9.64 15.52 -3.85
CA PHE A 8 -8.72 16.31 -3.04
C PHE A 8 -7.30 15.75 -3.11
N GLY A 9 -7.13 14.54 -2.60
CA GLY A 9 -5.82 13.91 -2.64
C GLY A 9 -5.58 13.13 -3.92
N ARG A 10 -6.27 13.53 -4.98
CA ARG A 10 -6.14 12.88 -6.27
C ARG A 10 -5.12 13.59 -7.15
N THR A 11 -4.60 14.71 -6.64
CA THR A 11 -3.60 15.48 -7.39
C THR A 11 -2.55 14.57 -8.00
N GLY A 12 -2.14 13.55 -7.26
CA GLY A 12 -1.13 12.64 -7.75
C GLY A 12 -1.19 11.26 -7.09
N LEU A 13 -1.36 11.26 -5.78
CA LEU A 13 -1.43 10.00 -5.03
C LEU A 13 -2.17 10.17 -3.71
N PRO A 14 -2.37 9.07 -2.98
CA PRO A 14 -3.07 9.09 -1.69
C PRO A 14 -2.44 10.06 -0.70
N ASP A 15 -2.61 9.77 0.59
CA ASP A 15 -2.06 10.61 1.64
C ASP A 15 -0.85 9.96 2.30
N LEU A 16 0.02 9.37 1.48
CA LEU A 16 1.22 8.71 1.97
C LEU A 16 2.15 9.70 2.66
N SER A 17 1.84 10.99 2.51
CA SER A 17 2.66 12.02 3.13
C SER A 17 2.49 12.01 4.65
N SER A 18 1.58 11.16 5.13
CA SER A 18 1.34 11.06 6.56
C SER A 18 1.45 9.61 7.04
N MET A 19 1.06 8.66 6.19
CA MET A 19 1.14 7.25 6.53
C MET A 19 2.57 6.76 6.37
N THR A 20 3.28 7.40 5.46
CA THR A 20 4.68 7.07 5.16
C THR A 20 5.04 5.63 5.52
N GLU A 21 5.38 5.42 6.78
CA GLU A 21 5.78 4.10 7.28
C GLU A 21 4.70 3.06 7.04
N GLU A 22 3.52 3.29 7.60
CA GLU A 22 2.40 2.36 7.45
C GLU A 22 1.93 2.29 6.00
N GLU A 23 2.20 3.32 5.23
CA GLU A 23 1.81 3.36 3.82
C GLU A 23 2.84 2.63 2.96
N GLN A 24 4.06 2.51 3.48
CA GLN A 24 5.13 1.83 2.76
C GLN A 24 5.16 0.36 3.16
N ILE A 25 4.62 0.09 4.35
CA ILE A 25 4.54 -1.26 4.87
C ILE A 25 3.27 -1.91 4.37
N ALA A 26 2.25 -1.09 4.26
CA ALA A 26 0.95 -1.50 3.77
C ALA A 26 1.02 -1.67 2.26
N TYR A 27 1.67 -0.72 1.61
CA TYR A 27 1.81 -0.80 0.17
C TYR A 27 2.89 -1.83 -0.16
N ALA A 28 3.83 -1.99 0.76
CA ALA A 28 4.90 -2.97 0.57
C ALA A 28 4.29 -4.36 0.44
N MET A 29 3.38 -4.69 1.35
CA MET A 29 2.73 -5.99 1.29
C MET A 29 1.82 -6.04 0.06
N GLN A 30 1.33 -4.86 -0.34
CA GLN A 30 0.47 -4.76 -1.51
C GLN A 30 1.12 -5.43 -2.71
N MET A 31 2.30 -4.94 -3.08
CA MET A 31 3.04 -5.50 -4.21
C MET A 31 3.53 -6.90 -3.92
N SER A 32 3.80 -7.17 -2.64
CA SER A 32 4.27 -8.49 -2.23
C SER A 32 3.13 -9.50 -2.23
N LEU A 33 1.91 -9.00 -2.38
CA LEU A 33 0.73 -9.87 -2.40
C LEU A 33 -0.18 -9.51 -3.57
N GLN A 34 0.41 -9.28 -4.73
CA GLN A 34 -0.35 -8.94 -5.92
C GLN A 34 -0.85 -10.19 -6.64
N GLY A 35 -0.69 -11.34 -5.99
CA GLY A 35 -1.13 -12.59 -6.58
C GLY A 35 -1.69 -13.55 -5.56
N ALA A 36 -0.81 -14.28 -4.88
CA ALA A 36 -1.23 -15.23 -3.86
C ALA A 36 -0.03 -15.91 -3.22
N GLU A 37 0.83 -16.49 -4.05
CA GLU A 37 2.03 -17.17 -3.57
C GLU A 37 3.28 -16.60 -4.20
N PHE A 38 3.24 -15.32 -4.56
CA PHE A 38 4.37 -14.64 -5.18
C PHE A 38 4.57 -15.13 -6.62
N GLY A 39 3.61 -15.90 -7.12
CA GLY A 39 3.70 -16.41 -8.47
C GLY A 39 4.96 -17.23 -8.69
N GLN A 40 4.78 -18.46 -9.19
CA GLN A 40 5.91 -19.34 -9.44
C GLN A 40 5.94 -19.76 -10.91
N ALA A 41 5.59 -18.83 -11.80
CA ALA A 41 5.58 -19.10 -13.23
C ALA A 41 6.99 -19.45 -13.73
N GLU A 42 7.97 -18.66 -13.31
CA GLU A 42 9.35 -18.88 -13.71
C GLU A 42 10.31 -18.15 -12.79
N SER A 43 10.07 -18.25 -11.49
CA SER A 43 10.92 -17.60 -10.50
C SER A 43 10.89 -18.36 -9.17
N ALA A 44 11.03 -19.68 -9.26
CA ALA A 44 11.02 -20.53 -8.07
C ALA A 44 12.44 -20.89 -7.65
N ASP A 45 13.09 -19.98 -6.92
CA ASP A 45 14.45 -20.21 -6.46
C ASP A 45 14.56 -19.95 -4.96
N MET A 1 -13.19 14.47 15.84
CA MET A 1 -12.53 14.47 17.18
C MET A 1 -12.09 13.06 17.57
N THR A 2 -12.66 12.06 16.90
CA THR A 2 -12.31 10.67 17.17
C THR A 2 -11.69 10.01 15.96
N ILE A 3 -12.54 9.51 15.06
CA ILE A 3 -12.07 8.85 13.85
C ILE A 3 -11.28 9.82 12.97
N SER A 4 -11.98 10.53 12.09
CA SER A 4 -11.35 11.49 11.21
C SER A 4 -10.24 10.82 10.39
N GLN A 5 -9.88 11.45 9.27
CA GLN A 5 -8.84 10.91 8.41
C GLN A 5 -9.33 9.68 7.65
N GLN A 6 -10.64 9.43 7.72
CA GLN A 6 -11.23 8.28 7.04
C GLN A 6 -12.71 8.53 6.77
N GLU A 7 -13.03 8.81 5.50
CA GLU A 7 -14.41 9.05 5.10
C GLU A 7 -14.47 9.50 3.64
N PHE A 8 -14.04 8.62 2.74
CA PHE A 8 -14.05 8.93 1.31
C PHE A 8 -13.51 7.76 0.50
N GLY A 9 -12.55 7.04 1.08
CA GLY A 9 -11.96 5.90 0.39
C GLY A 9 -11.14 5.04 1.31
N ARG A 10 -11.65 4.78 2.51
CA ARG A 10 -10.95 3.96 3.50
C ARG A 10 -10.20 2.82 2.81
N THR A 11 -10.84 2.21 1.81
CA THR A 11 -10.23 1.11 1.08
C THR A 11 -9.07 1.61 0.22
N GLY A 12 -9.35 2.61 -0.60
CA GLY A 12 -8.32 3.17 -1.47
C GLY A 12 -7.85 4.53 -1.00
N LEU A 13 -7.31 4.59 0.22
CA LEU A 13 -6.82 5.84 0.79
C LEU A 13 -5.31 5.79 0.97
N PRO A 14 -4.56 6.27 -0.04
CA PRO A 14 -3.10 6.29 0.00
C PRO A 14 -2.56 7.55 0.65
N ASP A 15 -2.39 8.61 -0.15
CA ASP A 15 -1.90 9.89 0.33
C ASP A 15 -0.41 9.83 0.62
N LEU A 16 -0.06 9.20 1.72
CA LEU A 16 1.34 9.07 2.12
C LEU A 16 1.82 10.31 2.90
N SER A 17 1.19 11.44 2.64
CA SER A 17 1.55 12.69 3.31
C SER A 17 1.68 12.50 4.82
N SER A 18 1.05 11.47 5.35
CA SER A 18 1.11 11.20 6.79
C SER A 18 1.04 9.71 7.09
N MET A 19 1.45 8.88 6.13
CA MET A 19 1.44 7.44 6.32
C MET A 19 2.86 6.88 6.27
N THR A 20 3.71 7.56 5.51
CA THR A 20 5.12 7.19 5.34
C THR A 20 5.37 5.71 5.65
N GLU A 21 5.71 5.42 6.91
CA GLU A 21 5.99 4.06 7.33
C GLU A 21 4.88 3.09 6.95
N GLU A 22 3.67 3.36 7.43
CA GLU A 22 2.52 2.49 7.14
C GLU A 22 2.20 2.43 5.65
N GLU A 23 2.52 3.50 4.92
CA GLU A 23 2.24 3.56 3.49
C GLU A 23 3.24 2.74 2.68
N GLN A 24 4.46 2.63 3.16
CA GLN A 24 5.50 1.87 2.46
C GLN A 24 5.49 0.42 2.92
N ILE A 25 4.98 0.20 4.12
CA ILE A 25 4.88 -1.14 4.68
C ILE A 25 3.65 -1.79 4.10
N ALA A 26 2.64 -0.96 3.92
CA ALA A 26 1.39 -1.38 3.32
C ALA A 26 1.65 -1.62 1.85
N TYR A 27 2.27 -0.64 1.21
CA TYR A 27 2.59 -0.78 -0.19
C TYR A 27 3.42 -2.04 -0.37
N ALA A 28 4.20 -2.36 0.66
CA ALA A 28 5.03 -3.55 0.64
C ALA A 28 4.17 -4.80 0.59
N MET A 29 3.14 -4.86 1.44
CA MET A 29 2.24 -6.01 1.46
C MET A 29 1.38 -6.05 0.20
N GLN A 30 1.29 -4.90 -0.47
CA GLN A 30 0.50 -4.80 -1.69
C GLN A 30 1.19 -5.54 -2.83
N MET A 31 2.44 -5.19 -3.09
CA MET A 31 3.21 -5.82 -4.15
C MET A 31 3.49 -7.28 -3.81
N SER A 32 3.64 -7.56 -2.52
CA SER A 32 3.90 -8.91 -2.05
C SER A 32 2.69 -9.81 -2.27
N LEU A 33 1.50 -9.23 -2.15
CA LEU A 33 0.26 -9.97 -2.33
C LEU A 33 0.05 -10.34 -3.80
N GLN A 34 0.85 -9.72 -4.67
CA GLN A 34 0.76 -9.98 -6.10
C GLN A 34 1.90 -10.89 -6.56
N GLY A 35 3.04 -10.80 -5.88
CA GLY A 35 4.18 -11.62 -6.23
C GLY A 35 3.94 -13.10 -5.98
N ALA A 36 3.03 -13.40 -5.05
CA ALA A 36 2.71 -14.77 -4.71
C ALA A 36 1.87 -14.85 -3.44
N GLU A 37 2.53 -14.76 -2.30
CA GLU A 37 1.85 -14.82 -1.01
C GLU A 37 2.84 -15.08 0.12
N PHE A 38 3.30 -14.00 0.76
CA PHE A 38 4.25 -14.12 1.85
C PHE A 38 5.60 -14.62 1.35
N GLY A 39 6.24 -13.83 0.48
CA GLY A 39 7.53 -14.23 -0.06
C GLY A 39 8.59 -14.34 1.00
N GLN A 40 8.63 -13.38 1.92
CA GLN A 40 9.60 -13.38 3.00
C GLN A 40 8.92 -13.29 4.36
N ALA A 41 8.13 -14.30 4.69
CA ALA A 41 7.42 -14.33 5.96
C ALA A 41 7.75 -15.61 6.75
N GLU A 42 8.69 -16.40 6.22
CA GLU A 42 9.10 -17.63 6.88
C GLU A 42 10.42 -17.44 7.61
N SER A 43 11.43 -16.97 6.90
CA SER A 43 12.75 -16.74 7.49
C SER A 43 12.64 -15.85 8.72
N ALA A 44 11.86 -14.78 8.61
CA ALA A 44 11.68 -13.85 9.72
C ALA A 44 12.77 -12.80 9.74
N ASP A 45 14.02 -13.26 9.77
CA ASP A 45 15.17 -12.36 9.79
C ASP A 45 15.99 -12.49 8.52
N MET A 1 -19.71 19.52 -10.16
CA MET A 1 -18.68 18.54 -9.76
C MET A 1 -18.50 18.48 -8.25
N THR A 2 -17.65 17.57 -7.78
CA THR A 2 -17.41 17.42 -6.36
C THR A 2 -15.98 16.98 -6.09
N ILE A 3 -15.41 17.46 -4.99
CA ILE A 3 -14.04 17.12 -4.63
C ILE A 3 -14.02 16.01 -3.57
N SER A 4 -14.96 15.09 -3.67
CA SER A 4 -15.06 13.98 -2.73
C SER A 4 -13.99 12.93 -3.02
N GLN A 5 -13.92 12.48 -4.27
CA GLN A 5 -12.95 11.48 -4.67
C GLN A 5 -12.85 10.36 -3.65
N GLN A 6 -13.99 10.05 -3.01
CA GLN A 6 -14.03 9.01 -2.00
C GLN A 6 -14.66 7.73 -2.55
N GLU A 7 -14.83 6.74 -1.70
CA GLU A 7 -15.44 5.47 -2.10
C GLU A 7 -14.90 5.01 -3.45
N PHE A 8 -13.67 5.39 -3.75
CA PHE A 8 -13.04 5.01 -5.01
C PHE A 8 -11.58 4.62 -4.79
N GLY A 9 -11.23 4.35 -3.54
CA GLY A 9 -9.87 3.97 -3.20
C GLY A 9 -9.56 4.17 -1.73
N ARG A 10 -9.52 5.43 -1.30
CA ARG A 10 -9.25 5.77 0.09
C ARG A 10 -8.69 7.18 0.19
N THR A 11 -9.55 8.16 -0.06
CA THR A 11 -9.13 9.56 0.00
C THR A 11 -7.89 9.77 -0.84
N GLY A 12 -7.88 9.17 -2.03
CA GLY A 12 -6.74 9.29 -2.91
C GLY A 12 -6.17 7.95 -3.30
N LEU A 13 -5.93 7.10 -2.29
CA LEU A 13 -5.36 5.76 -2.47
C LEU A 13 -3.99 5.65 -1.81
N PRO A 14 -3.14 6.67 -1.98
CA PRO A 14 -1.79 6.70 -1.42
C PRO A 14 -1.74 7.23 0.01
N ASP A 15 -2.26 8.44 0.19
CA ASP A 15 -2.27 9.09 1.50
C ASP A 15 -1.01 8.75 2.29
N LEU A 16 0.14 8.87 1.63
CA LEU A 16 1.42 8.59 2.28
C LEU A 16 1.95 9.84 2.97
N SER A 17 1.36 10.98 2.64
CA SER A 17 1.76 12.24 3.24
C SER A 17 1.81 12.14 4.76
N SER A 18 1.10 11.15 5.30
CA SER A 18 1.07 10.95 6.75
C SER A 18 1.35 9.50 7.12
N MET A 19 0.90 8.57 6.29
CA MET A 19 1.10 7.15 6.55
C MET A 19 2.58 6.79 6.45
N THR A 20 3.32 7.68 5.80
CA THR A 20 4.76 7.51 5.61
C THR A 20 5.21 6.06 5.75
N GLU A 21 5.58 5.67 6.96
CA GLU A 21 6.04 4.32 7.25
C GLU A 21 4.99 3.28 6.91
N GLU A 22 3.81 3.41 7.51
CA GLU A 22 2.73 2.45 7.28
C GLU A 22 2.25 2.46 5.82
N GLU A 23 2.61 3.50 5.08
CA GLU A 23 2.21 3.61 3.68
C GLU A 23 3.22 2.91 2.78
N GLN A 24 4.49 2.94 3.19
CA GLN A 24 5.54 2.28 2.43
C GLN A 24 5.56 0.79 2.77
N ILE A 25 5.09 0.48 3.98
CA ILE A 25 5.01 -0.88 4.44
C ILE A 25 3.78 -1.52 3.83
N ALA A 26 2.72 -0.73 3.76
CA ALA A 26 1.48 -1.17 3.16
C ALA A 26 1.73 -1.40 1.68
N TYR A 27 2.50 -0.49 1.08
CA TYR A 27 2.86 -0.60 -0.32
C TYR A 27 3.45 -1.97 -0.57
N ALA A 28 4.48 -2.31 0.20
CA ALA A 28 5.12 -3.61 0.08
C ALA A 28 4.09 -4.71 0.31
N MET A 29 3.12 -4.43 1.18
CA MET A 29 2.06 -5.38 1.48
C MET A 29 1.37 -5.81 0.20
N GLN A 30 1.21 -4.86 -0.72
CA GLN A 30 0.57 -5.13 -2.00
C GLN A 30 1.52 -5.87 -2.93
N MET A 31 2.79 -5.49 -2.91
CA MET A 31 3.79 -6.12 -3.76
C MET A 31 3.73 -7.64 -3.59
N SER A 32 3.62 -8.09 -2.35
CA SER A 32 3.55 -9.51 -2.06
C SER A 32 2.12 -10.03 -2.22
N LEU A 33 1.15 -9.15 -1.97
CA LEU A 33 -0.26 -9.51 -2.08
C LEU A 33 -0.48 -10.95 -1.64
N GLN A 34 0.31 -11.40 -0.67
CA GLN A 34 0.18 -12.76 -0.16
C GLN A 34 0.70 -12.85 1.27
N GLY A 35 0.58 -11.74 2.00
CA GLY A 35 1.04 -11.71 3.38
C GLY A 35 0.50 -10.52 4.14
N ALA A 36 0.39 -9.39 3.47
CA ALA A 36 -0.11 -8.16 4.09
C ALA A 36 0.94 -7.53 4.99
N GLU A 37 2.18 -8.02 4.89
CA GLU A 37 3.28 -7.49 5.69
C GLU A 37 3.30 -8.15 7.07
N PHE A 38 2.23 -7.97 7.82
CA PHE A 38 2.13 -8.55 9.15
C PHE A 38 2.37 -10.06 9.12
N GLY A 39 1.52 -10.77 8.39
CA GLY A 39 1.64 -12.21 8.28
C GLY A 39 0.74 -12.94 9.27
N GLN A 40 -0.43 -13.34 8.80
CA GLN A 40 -1.39 -14.05 9.63
C GLN A 40 -1.04 -15.53 9.75
N ALA A 41 -1.18 -16.26 8.65
CA ALA A 41 -0.88 -17.69 8.64
C ALA A 41 0.42 -17.98 7.91
N GLU A 42 1.09 -16.93 7.44
CA GLU A 42 2.35 -17.09 6.73
C GLU A 42 2.16 -17.95 5.48
N SER A 43 1.33 -17.48 4.57
CA SER A 43 1.06 -18.21 3.33
C SER A 43 2.13 -17.93 2.28
N ALA A 44 2.79 -19.00 1.82
CA ALA A 44 3.83 -18.87 0.81
C ALA A 44 4.94 -17.92 1.28
N ASP A 45 5.81 -17.53 0.35
CA ASP A 45 6.91 -16.63 0.68
C ASP A 45 7.11 -15.59 -0.41
N MET A 1 -0.29 16.07 12.82
CA MET A 1 -0.78 15.90 11.43
C MET A 1 -1.39 17.20 10.89
N THR A 2 -0.74 18.31 11.19
CA THR A 2 -1.22 19.62 10.73
C THR A 2 -0.47 20.07 9.48
N ILE A 3 -0.39 19.17 8.49
CA ILE A 3 0.29 19.48 7.24
C ILE A 3 -0.53 19.03 6.04
N SER A 4 -1.80 18.75 6.27
CA SER A 4 -2.70 18.30 5.20
C SER A 4 -4.10 18.86 5.40
N GLN A 5 -4.81 19.07 4.30
CA GLN A 5 -6.17 19.60 4.35
C GLN A 5 -7.14 18.67 3.64
N GLN A 6 -6.78 17.39 3.54
CA GLN A 6 -7.62 16.40 2.88
C GLN A 6 -8.30 17.00 1.65
N GLU A 7 -7.52 17.68 0.81
CA GLU A 7 -8.05 18.30 -0.39
C GLU A 7 -6.96 18.43 -1.46
N PHE A 8 -6.53 17.28 -1.99
CA PHE A 8 -5.50 17.27 -3.01
C PHE A 8 -5.28 15.86 -3.56
N GLY A 9 -5.10 14.91 -2.64
CA GLY A 9 -4.89 13.53 -3.04
C GLY A 9 -6.07 12.95 -3.78
N ARG A 10 -7.27 13.22 -3.27
CA ARG A 10 -8.51 12.72 -3.87
C ARG A 10 -9.62 12.62 -2.83
N THR A 11 -9.24 12.60 -1.56
CA THR A 11 -10.19 12.49 -0.46
C THR A 11 -10.42 11.03 -0.10
N GLY A 12 -10.19 10.15 -1.07
CA GLY A 12 -10.37 8.73 -0.85
C GLY A 12 -9.06 7.98 -0.93
N LEU A 13 -8.03 8.62 -1.49
CA LEU A 13 -6.71 8.01 -1.62
C LEU A 13 -5.79 8.47 -0.49
N PRO A 14 -4.75 7.67 -0.20
CA PRO A 14 -3.79 7.98 0.86
C PRO A 14 -2.73 8.99 0.39
N ASP A 15 -2.77 10.18 0.97
CA ASP A 15 -1.83 11.23 0.62
C ASP A 15 -0.39 10.72 0.71
N LEU A 16 -0.19 9.65 1.48
CA LEU A 16 1.11 9.03 1.66
C LEU A 16 2.07 9.87 2.53
N SER A 17 1.78 11.17 2.68
CA SER A 17 2.63 12.04 3.49
C SER A 17 2.26 11.96 4.96
N SER A 18 1.22 11.19 5.27
CA SER A 18 0.78 11.04 6.65
C SER A 18 0.90 9.59 7.12
N MET A 19 1.30 8.71 6.21
CA MET A 19 1.46 7.30 6.53
C MET A 19 2.90 6.86 6.35
N THR A 20 3.64 7.59 5.53
CA THR A 20 5.06 7.31 5.27
C THR A 20 5.42 5.84 5.51
N GLU A 21 5.71 5.51 6.76
CA GLU A 21 6.09 4.15 7.13
C GLU A 21 4.97 3.15 6.89
N GLU A 22 3.81 3.41 7.49
CA GLU A 22 2.66 2.51 7.35
C GLU A 22 2.18 2.42 5.91
N GLU A 23 2.42 3.46 5.13
CA GLU A 23 2.02 3.47 3.73
C GLU A 23 3.05 2.76 2.86
N GLN A 24 4.29 2.76 3.30
CA GLN A 24 5.36 2.09 2.56
C GLN A 24 5.41 0.61 2.92
N ILE A 25 4.89 0.29 4.10
CA ILE A 25 4.83 -1.07 4.58
C ILE A 25 3.58 -1.73 4.06
N ALA A 26 2.51 -0.95 4.05
CA ALA A 26 1.24 -1.40 3.54
C ALA A 26 1.36 -1.60 2.04
N TYR A 27 1.98 -0.62 1.40
CA TYR A 27 2.21 -0.68 -0.03
C TYR A 27 3.03 -1.92 -0.35
N ALA A 28 4.10 -2.13 0.42
CA ALA A 28 4.93 -3.29 0.25
C ALA A 28 4.10 -4.55 0.41
N MET A 29 3.04 -4.44 1.22
CA MET A 29 2.13 -5.55 1.46
C MET A 29 1.40 -5.91 0.17
N GLN A 30 1.04 -4.88 -0.60
CA GLN A 30 0.33 -5.09 -1.86
C GLN A 30 1.23 -5.76 -2.88
N MET A 31 2.42 -5.21 -3.08
CA MET A 31 3.38 -5.76 -4.03
C MET A 31 3.71 -7.21 -3.67
N SER A 32 3.77 -7.48 -2.36
CA SER A 32 4.08 -8.82 -1.88
C SER A 32 2.94 -9.78 -2.20
N LEU A 33 1.71 -9.27 -2.13
CA LEU A 33 0.53 -10.08 -2.42
C LEU A 33 0.48 -10.47 -3.90
N GLN A 34 1.15 -9.69 -4.73
CA GLN A 34 1.18 -9.95 -6.17
C GLN A 34 2.56 -10.44 -6.61
N GLY A 35 3.36 -10.89 -5.64
CA GLY A 35 4.69 -11.38 -5.95
C GLY A 35 4.75 -12.89 -6.03
N ALA A 36 3.79 -13.56 -5.41
CA ALA A 36 3.73 -15.02 -5.41
C ALA A 36 2.34 -15.52 -5.72
N GLU A 37 1.46 -14.61 -6.16
CA GLU A 37 0.09 -14.97 -6.49
C GLU A 37 -0.62 -15.57 -5.28
N PHE A 38 -1.18 -14.70 -4.43
CA PHE A 38 -1.89 -15.15 -3.24
C PHE A 38 -0.99 -16.00 -2.35
N GLY A 39 -0.61 -15.45 -1.21
CA GLY A 39 0.26 -16.17 -0.29
C GLY A 39 1.58 -15.47 -0.06
N GLN A 40 1.74 -14.89 1.13
CA GLN A 40 2.97 -14.18 1.47
C GLN A 40 3.83 -15.01 2.42
N ALA A 41 3.49 -14.96 3.71
CA ALA A 41 4.23 -15.70 4.72
C ALA A 41 5.69 -15.25 4.78
N GLU A 42 5.90 -13.94 4.65
CA GLU A 42 7.25 -13.38 4.68
C GLU A 42 8.17 -14.14 3.74
N SER A 43 7.59 -14.77 2.73
CA SER A 43 8.38 -15.53 1.76
C SER A 43 9.39 -16.43 2.46
N ALA A 44 8.93 -17.17 3.46
CA ALA A 44 9.79 -18.07 4.21
C ALA A 44 8.99 -18.93 5.18
N ASP A 45 9.69 -19.65 6.03
CA ASP A 45 9.04 -20.52 7.01
C ASP A 45 7.86 -19.81 7.68
N MET A 1 -2.75 21.36 -1.48
CA MET A 1 -2.35 20.15 -2.26
C MET A 1 -2.63 20.34 -3.75
N THR A 2 -2.13 19.41 -4.56
CA THR A 2 -2.34 19.48 -6.00
C THR A 2 -3.36 18.43 -6.45
N ILE A 3 -4.56 18.51 -5.90
CA ILE A 3 -5.63 17.58 -6.24
C ILE A 3 -6.88 17.84 -5.40
N SER A 4 -6.68 18.24 -4.15
CA SER A 4 -7.78 18.52 -3.26
C SER A 4 -8.80 17.39 -3.27
N GLN A 5 -9.95 17.66 -2.69
CA GLN A 5 -11.03 16.66 -2.63
C GLN A 5 -10.48 15.29 -2.24
N GLN A 6 -10.16 15.13 -0.96
CA GLN A 6 -9.63 13.88 -0.45
C GLN A 6 -10.18 13.57 0.94
N GLU A 7 -11.44 13.14 0.98
CA GLU A 7 -12.09 12.82 2.24
C GLU A 7 -12.32 11.31 2.36
N PHE A 8 -12.17 10.61 1.25
CA PHE A 8 -12.36 9.16 1.23
C PHE A 8 -11.11 8.45 0.70
N GLY A 9 -9.99 9.15 0.71
CA GLY A 9 -8.75 8.56 0.23
C GLY A 9 -8.83 8.17 -1.24
N ARG A 10 -9.54 8.98 -2.02
CA ARG A 10 -9.70 8.71 -3.45
C ARG A 10 -10.27 7.31 -3.69
N THR A 11 -10.85 6.73 -2.65
CA THR A 11 -11.43 5.40 -2.74
C THR A 11 -10.61 4.51 -3.66
N GLY A 12 -9.30 4.52 -3.47
CA GLY A 12 -8.42 3.70 -4.29
C GLY A 12 -6.95 3.93 -3.97
N LEU A 13 -6.55 5.18 -3.88
CA LEU A 13 -5.17 5.52 -3.57
C LEU A 13 -5.08 6.23 -2.22
N PRO A 14 -4.00 5.96 -1.46
CA PRO A 14 -3.78 6.56 -0.16
C PRO A 14 -3.25 8.00 -0.26
N ASP A 15 -2.77 8.52 0.86
CA ASP A 15 -2.23 9.88 0.89
C ASP A 15 -0.71 9.86 0.98
N LEU A 16 -0.19 8.90 1.73
CA LEU A 16 1.24 8.74 1.93
C LEU A 16 1.87 9.83 2.79
N SER A 17 1.22 10.99 2.90
CA SER A 17 1.74 12.09 3.69
C SER A 17 1.52 11.85 5.18
N SER A 18 0.61 10.92 5.48
CA SER A 18 0.30 10.60 6.88
C SER A 18 0.52 9.11 7.15
N MET A 19 1.02 8.40 6.14
CA MET A 19 1.28 6.97 6.28
C MET A 19 2.79 6.69 6.27
N THR A 20 3.51 7.48 5.49
CA THR A 20 4.97 7.34 5.39
C THR A 20 5.43 5.90 5.63
N GLU A 21 5.66 5.57 6.89
CA GLU A 21 6.10 4.23 7.27
C GLU A 21 5.06 3.20 6.85
N GLU A 22 3.85 3.35 7.39
CA GLU A 22 2.76 2.44 7.06
C GLU A 22 2.46 2.51 5.57
N GLU A 23 2.98 3.54 4.91
CA GLU A 23 2.77 3.73 3.47
C GLU A 23 3.75 2.86 2.68
N GLN A 24 4.97 2.73 3.20
CA GLN A 24 5.99 1.92 2.55
C GLN A 24 5.80 0.45 2.90
N ILE A 25 5.18 0.21 4.05
CA ILE A 25 4.90 -1.14 4.51
C ILE A 25 3.64 -1.64 3.82
N ALA A 26 2.69 -0.73 3.70
CA ALA A 26 1.43 -1.04 3.04
C ALA A 26 1.71 -1.26 1.57
N TYR A 27 2.58 -0.41 1.02
CA TYR A 27 2.97 -0.53 -0.37
C TYR A 27 3.53 -1.92 -0.62
N ALA A 28 4.47 -2.32 0.24
CA ALA A 28 5.06 -3.64 0.14
C ALA A 28 3.98 -4.69 0.31
N MET A 29 2.93 -4.31 1.03
CA MET A 29 1.80 -5.21 1.27
C MET A 29 1.13 -5.57 -0.06
N GLN A 30 1.05 -4.59 -0.95
CA GLN A 30 0.43 -4.79 -2.26
C GLN A 30 1.34 -5.62 -3.15
N MET A 31 2.63 -5.33 -3.11
CA MET A 31 3.61 -6.04 -3.91
C MET A 31 3.83 -7.46 -3.39
N SER A 32 3.45 -7.69 -2.14
CA SER A 32 3.61 -8.99 -1.51
C SER A 32 2.26 -9.66 -1.28
N LEU A 33 1.19 -8.94 -1.61
CA LEU A 33 -0.16 -9.47 -1.43
C LEU A 33 -0.27 -10.89 -1.98
N GLN A 34 0.58 -11.22 -2.93
CA GLN A 34 0.57 -12.55 -3.54
C GLN A 34 0.24 -13.62 -2.50
N GLY A 35 0.82 -13.48 -1.32
CA GLY A 35 0.57 -14.44 -0.25
C GLY A 35 1.09 -13.95 1.10
N ALA A 36 0.78 -12.70 1.42
CA ALA A 36 1.21 -12.11 2.68
C ALA A 36 0.03 -11.53 3.45
N GLU A 37 -1.15 -12.13 3.26
CA GLU A 37 -2.36 -11.67 3.94
C GLU A 37 -2.64 -12.52 5.17
N PHE A 38 -1.71 -12.48 6.12
CA PHE A 38 -1.85 -13.25 7.36
C PHE A 38 -2.12 -12.32 8.54
N GLY A 39 -1.38 -11.21 8.61
CA GLY A 39 -1.56 -10.26 9.67
C GLY A 39 -1.34 -8.83 9.23
N GLN A 40 -2.39 -8.02 9.33
CA GLN A 40 -2.31 -6.62 8.93
C GLN A 40 -1.95 -6.49 7.46
N ALA A 41 -0.65 -6.50 7.17
CA ALA A 41 -0.17 -6.39 5.80
C ALA A 41 0.77 -7.53 5.45
N GLU A 42 1.59 -7.92 6.42
CA GLU A 42 2.55 -9.01 6.22
C GLU A 42 2.99 -9.61 7.56
N SER A 43 3.30 -8.75 8.51
CA SER A 43 3.73 -9.18 9.83
C SER A 43 5.10 -9.84 9.76
N ALA A 44 5.56 -10.34 10.91
CA ALA A 44 6.86 -11.00 10.99
C ALA A 44 7.99 -10.04 10.64
N ASP A 45 9.18 -10.31 11.17
CA ASP A 45 10.34 -9.46 10.92
C ASP A 45 11.10 -9.96 9.70
N MET A 1 -8.08 21.92 -6.92
CA MET A 1 -8.89 20.74 -7.28
C MET A 1 -8.22 19.44 -6.84
N THR A 2 -8.75 18.83 -5.79
CA THR A 2 -8.19 17.59 -5.27
C THR A 2 -9.08 16.40 -5.64
N ILE A 3 -8.78 15.25 -5.05
CA ILE A 3 -9.56 14.04 -5.31
C ILE A 3 -9.52 13.08 -4.14
N SER A 4 -10.44 13.25 -3.20
CA SER A 4 -10.51 12.39 -2.02
C SER A 4 -10.74 10.94 -2.42
N GLN A 5 -11.99 10.61 -2.74
CA GLN A 5 -12.35 9.25 -3.13
C GLN A 5 -11.61 8.23 -2.26
N GLN A 6 -11.30 8.61 -1.04
CA GLN A 6 -10.60 7.72 -0.11
C GLN A 6 -11.59 6.86 0.67
N GLU A 7 -12.87 7.22 0.60
CA GLU A 7 -13.91 6.48 1.30
C GLU A 7 -13.59 6.39 2.79
N PHE A 8 -12.89 5.32 3.17
CA PHE A 8 -12.51 5.10 4.56
C PHE A 8 -11.46 4.02 4.67
N GLY A 9 -10.47 4.08 3.79
CA GLY A 9 -9.40 3.09 3.80
C GLY A 9 -9.75 1.88 2.97
N ARG A 10 -9.56 1.99 1.65
CA ARG A 10 -9.86 0.89 0.75
C ARG A 10 -8.77 -0.17 0.80
N THR A 11 -7.79 0.03 1.68
CA THR A 11 -6.69 -0.91 1.82
C THR A 11 -5.58 -0.61 0.82
N GLY A 12 -5.96 -0.52 -0.45
CA GLY A 12 -4.99 -0.23 -1.50
C GLY A 12 -4.97 1.25 -1.86
N LEU A 13 -5.79 2.05 -1.18
CA LEU A 13 -5.86 3.48 -1.46
C LEU A 13 -5.71 4.27 -0.17
N PRO A 14 -4.46 4.48 0.30
CA PRO A 14 -4.17 5.23 1.51
C PRO A 14 -4.01 6.72 1.24
N ASP A 15 -3.40 7.42 2.18
CA ASP A 15 -3.19 8.85 2.05
C ASP A 15 -1.74 9.14 1.65
N LEU A 16 -0.82 8.55 2.40
CA LEU A 16 0.60 8.72 2.15
C LEU A 16 1.13 10.04 2.73
N SER A 17 0.28 11.06 2.78
CA SER A 17 0.67 12.37 3.30
C SER A 17 1.68 12.23 4.44
N SER A 18 1.37 11.37 5.41
CA SER A 18 2.25 11.16 6.55
C SER A 18 2.24 9.71 6.99
N MET A 19 1.71 8.84 6.14
CA MET A 19 1.66 7.41 6.44
C MET A 19 3.05 6.80 6.43
N THR A 20 4.00 7.57 5.90
CA THR A 20 5.41 7.17 5.80
C THR A 20 5.62 5.67 5.99
N GLU A 21 5.66 5.23 7.25
CA GLU A 21 5.90 3.83 7.57
C GLU A 21 4.78 2.92 7.08
N GLU A 22 3.54 3.23 7.48
CA GLU A 22 2.40 2.42 7.08
C GLU A 22 2.11 2.52 5.58
N GLU A 23 2.67 3.54 4.94
CA GLU A 23 2.49 3.74 3.51
C GLU A 23 3.45 2.87 2.71
N GLN A 24 4.68 2.83 3.19
CA GLN A 24 5.73 2.05 2.54
C GLN A 24 5.60 0.57 2.87
N ILE A 25 4.98 0.27 4.01
CA ILE A 25 4.79 -1.10 4.44
C ILE A 25 3.53 -1.65 3.80
N ALA A 26 2.50 -0.81 3.78
CA ALA A 26 1.25 -1.16 3.16
C ALA A 26 1.49 -1.39 1.68
N TYR A 27 2.28 -0.49 1.09
CA TYR A 27 2.63 -0.61 -0.31
C TYR A 27 3.34 -1.94 -0.53
N ALA A 28 4.32 -2.22 0.32
CA ALA A 28 5.04 -3.47 0.24
C ALA A 28 4.06 -4.63 0.37
N MET A 29 2.94 -4.34 1.03
CA MET A 29 1.89 -5.34 1.22
C MET A 29 1.26 -5.69 -0.12
N GLN A 30 1.07 -4.66 -0.95
CA GLN A 30 0.48 -4.84 -2.27
C GLN A 30 1.40 -5.70 -3.15
N MET A 31 2.69 -5.38 -3.11
CA MET A 31 3.68 -6.12 -3.89
C MET A 31 3.93 -7.50 -3.29
N SER A 32 3.55 -7.66 -2.03
CA SER A 32 3.75 -8.92 -1.33
C SER A 32 2.58 -9.87 -1.61
N LEU A 33 1.43 -9.31 -1.94
CA LEU A 33 0.24 -10.10 -2.24
C LEU A 33 -0.36 -9.70 -3.59
N GLN A 34 0.51 -9.39 -4.55
CA GLN A 34 0.07 -8.99 -5.88
C GLN A 34 0.01 -10.19 -6.82
N GLY A 35 -0.59 -11.28 -6.35
CA GLY A 35 -0.69 -12.48 -7.16
C GLY A 35 -1.09 -13.69 -6.34
N ALA A 36 -0.24 -14.05 -5.39
CA ALA A 36 -0.50 -15.20 -4.52
C ALA A 36 -0.10 -16.50 -5.21
N GLU A 37 0.74 -16.39 -6.23
CA GLU A 37 1.21 -17.57 -6.97
C GLU A 37 2.24 -17.18 -8.02
N PHE A 38 3.17 -16.30 -7.63
CA PHE A 38 4.21 -15.86 -8.55
C PHE A 38 4.72 -17.01 -9.41
N GLY A 39 5.18 -18.07 -8.76
CA GLY A 39 5.67 -19.23 -9.48
C GLY A 39 7.19 -19.28 -9.52
N GLN A 40 7.83 -18.69 -8.52
CA GLN A 40 9.28 -18.67 -8.44
C GLN A 40 9.81 -19.94 -7.78
N ALA A 41 9.13 -20.37 -6.72
CA ALA A 41 9.52 -21.57 -5.99
C ALA A 41 8.34 -22.53 -5.85
N GLU A 42 8.64 -23.79 -5.52
CA GLU A 42 7.60 -24.80 -5.35
C GLU A 42 7.45 -25.19 -3.88
N SER A 43 7.71 -24.25 -2.99
CA SER A 43 7.61 -24.51 -1.55
C SER A 43 6.31 -23.92 -0.99
N ALA A 44 5.33 -23.71 -1.86
CA ALA A 44 4.05 -23.16 -1.44
C ALA A 44 3.36 -24.07 -0.44
N ASP A 45 2.76 -25.15 -0.94
CA ASP A 45 2.06 -26.10 -0.09
C ASP A 45 3.04 -26.84 0.82
N MET A 1 24.92 5.86 -12.10
CA MET A 1 24.83 7.03 -11.19
C MET A 1 25.25 6.64 -9.77
N THR A 2 24.74 7.39 -8.78
CA THR A 2 25.06 7.12 -7.39
C THR A 2 23.87 6.53 -6.65
N ILE A 3 23.30 5.47 -7.23
CA ILE A 3 22.15 4.80 -6.62
C ILE A 3 20.99 5.77 -6.41
N SER A 4 21.00 6.45 -5.29
CA SER A 4 19.95 7.41 -4.96
C SER A 4 20.53 8.72 -4.45
N GLN A 5 19.85 9.82 -4.74
CA GLN A 5 20.30 11.14 -4.31
C GLN A 5 19.16 11.91 -3.63
N GLN A 6 17.97 11.81 -4.21
CA GLN A 6 16.80 12.49 -3.67
C GLN A 6 16.95 14.01 -3.79
N GLU A 7 15.82 14.70 -3.90
CA GLU A 7 15.83 16.15 -4.03
C GLU A 7 14.52 16.74 -3.51
N PHE A 8 13.90 16.06 -2.55
CA PHE A 8 12.64 16.51 -1.97
C PHE A 8 11.45 16.04 -2.81
N GLY A 9 11.75 15.52 -4.00
CA GLY A 9 10.69 15.03 -4.87
C GLY A 9 10.51 13.53 -4.80
N ARG A 10 11.18 12.91 -3.83
CA ARG A 10 11.11 11.46 -3.66
C ARG A 10 10.97 10.74 -4.99
N THR A 11 11.54 11.32 -6.04
CA THR A 11 11.48 10.73 -7.39
C THR A 11 10.17 11.11 -8.08
N GLY A 12 9.05 10.73 -7.48
CA GLY A 12 7.75 11.03 -8.07
C GLY A 12 6.93 11.95 -7.18
N LEU A 13 7.36 12.09 -5.93
CA LEU A 13 6.67 12.95 -4.97
C LEU A 13 5.28 12.40 -4.64
N PRO A 14 5.21 11.18 -4.08
CA PRO A 14 3.95 10.54 -3.72
C PRO A 14 3.38 11.10 -2.42
N ASP A 15 4.18 10.99 -1.36
CA ASP A 15 3.79 11.47 -0.04
C ASP A 15 2.28 11.40 0.16
N LEU A 16 1.80 10.22 0.56
CA LEU A 16 0.38 10.02 0.80
C LEU A 16 -0.18 11.08 1.75
N SER A 17 0.72 11.70 2.50
CA SER A 17 0.34 12.74 3.46
C SER A 17 0.15 12.13 4.85
N SER A 18 1.17 11.39 5.28
CA SER A 18 1.18 10.70 6.57
C SER A 18 1.69 9.28 6.38
N MET A 19 1.81 8.89 5.11
CA MET A 19 2.29 7.56 4.73
C MET A 19 3.19 6.95 5.80
N THR A 20 4.46 7.34 5.76
CA THR A 20 5.45 6.84 6.70
C THR A 20 5.71 5.37 6.51
N GLU A 21 6.25 4.75 7.54
CA GLU A 21 6.57 3.33 7.52
C GLU A 21 5.32 2.49 7.28
N GLU A 22 4.18 3.02 7.68
CA GLU A 22 2.91 2.31 7.51
C GLU A 22 2.50 2.28 6.05
N GLU A 23 2.86 3.31 5.30
CA GLU A 23 2.53 3.36 3.88
C GLU A 23 3.55 2.61 3.05
N GLN A 24 4.76 2.48 3.60
CA GLN A 24 5.83 1.77 2.91
C GLN A 24 5.69 0.27 3.19
N ILE A 25 5.08 -0.03 4.33
CA ILE A 25 4.84 -1.40 4.73
C ILE A 25 3.56 -1.88 4.09
N ALA A 26 2.59 -0.98 4.02
CA ALA A 26 1.33 -1.28 3.39
C ALA A 26 1.56 -1.41 1.90
N TYR A 27 2.40 -0.53 1.36
CA TYR A 27 2.75 -0.58 -0.04
C TYR A 27 3.36 -1.93 -0.36
N ALA A 28 4.28 -2.36 0.52
CA ALA A 28 4.92 -3.65 0.37
C ALA A 28 3.88 -4.75 0.52
N MET A 29 2.80 -4.42 1.23
CA MET A 29 1.71 -5.38 1.46
C MET A 29 1.03 -5.73 0.13
N GLN A 30 0.81 -4.72 -0.71
CA GLN A 30 0.16 -4.94 -1.99
C GLN A 30 1.18 -5.35 -3.05
N MET A 31 2.45 -5.12 -2.75
CA MET A 31 3.53 -5.47 -3.68
C MET A 31 3.82 -6.96 -3.60
N SER A 32 3.67 -7.54 -2.41
CA SER A 32 3.92 -8.96 -2.20
C SER A 32 2.63 -9.76 -2.34
N LEU A 33 1.51 -9.12 -2.02
CA LEU A 33 0.21 -9.78 -2.11
C LEU A 33 -0.56 -9.30 -3.34
N GLN A 34 -0.02 -9.59 -4.52
CA GLN A 34 -0.66 -9.18 -5.77
C GLN A 34 -1.93 -9.98 -6.01
N GLY A 35 -2.14 -11.01 -5.20
CA GLY A 35 -3.32 -11.84 -5.34
C GLY A 35 -4.30 -11.66 -4.20
N ALA A 36 -4.12 -10.61 -3.42
CA ALA A 36 -4.99 -10.32 -2.29
C ALA A 36 -6.34 -9.79 -2.75
N GLU A 37 -6.32 -8.80 -3.63
CA GLU A 37 -7.54 -8.20 -4.15
C GLU A 37 -8.59 -8.06 -3.06
N PHE A 38 -8.65 -6.88 -2.44
CA PHE A 38 -9.62 -6.62 -1.38
C PHE A 38 -9.70 -5.13 -1.10
N GLY A 39 -10.87 -4.55 -1.36
CA GLY A 39 -11.08 -3.14 -1.13
C GLY A 39 -11.74 -2.86 0.20
N GLN A 40 -12.13 -3.92 0.90
CA GLN A 40 -12.79 -3.78 2.20
C GLN A 40 -13.86 -2.70 2.15
N ALA A 41 -14.54 -2.60 1.01
CA ALA A 41 -15.59 -1.61 0.84
C ALA A 41 -16.64 -2.08 -0.15
N GLU A 42 -16.17 -2.71 -1.24
CA GLU A 42 -17.08 -3.21 -2.27
C GLU A 42 -16.29 -3.75 -3.46
N SER A 43 -15.42 -4.72 -3.20
CA SER A 43 -14.60 -5.32 -4.25
C SER A 43 -13.56 -4.33 -4.76
N ALA A 44 -12.79 -4.76 -5.76
CA ALA A 44 -11.76 -3.91 -6.34
C ALA A 44 -11.73 -4.04 -7.86
N ASP A 45 -11.84 -2.91 -8.55
CA ASP A 45 -11.83 -2.90 -10.01
C ASP A 45 -10.43 -2.64 -10.53
N MET A 1 -8.37 4.28 4.83
CA MET A 1 -7.61 4.08 6.08
C MET A 1 -8.07 2.83 6.84
N THR A 2 -9.35 2.81 7.19
CA THR A 2 -9.93 1.67 7.90
C THR A 2 -11.28 1.28 7.31
N ILE A 3 -11.57 1.82 6.13
CA ILE A 3 -12.84 1.52 5.45
C ILE A 3 -12.58 0.78 4.14
N SER A 4 -11.69 -0.19 4.17
CA SER A 4 -11.36 -0.98 2.98
C SER A 4 -11.03 -0.06 1.81
N GLN A 5 -12.03 0.24 0.99
CA GLN A 5 -11.84 1.12 -0.17
C GLN A 5 -10.47 0.87 -0.79
N GLN A 6 -10.19 -0.38 -1.14
CA GLN A 6 -8.92 -0.73 -1.74
C GLN A 6 -9.09 -1.07 -3.22
N GLU A 7 -8.71 -0.14 -4.09
CA GLU A 7 -8.82 -0.35 -5.53
C GLU A 7 -7.43 -0.43 -6.17
N PHE A 8 -6.82 0.73 -6.36
CA PHE A 8 -5.48 0.80 -6.96
C PHE A 8 -4.70 1.98 -6.38
N GLY A 9 -4.68 2.07 -5.05
CA GLY A 9 -3.98 3.15 -4.40
C GLY A 9 -4.92 4.16 -3.78
N ARG A 10 -5.91 3.68 -3.04
CA ARG A 10 -6.88 4.54 -2.41
C ARG A 10 -7.39 5.61 -3.37
N THR A 11 -8.18 5.18 -4.35
CA THR A 11 -8.72 6.10 -5.35
C THR A 11 -7.61 6.71 -6.19
N GLY A 12 -6.51 5.98 -6.32
CA GLY A 12 -5.38 6.48 -7.09
C GLY A 12 -4.77 7.73 -6.48
N LEU A 13 -5.19 8.04 -5.25
CA LEU A 13 -4.68 9.21 -4.55
C LEU A 13 -4.38 8.86 -3.09
N PRO A 14 -3.11 8.53 -2.81
CA PRO A 14 -2.68 8.17 -1.46
C PRO A 14 -2.30 9.39 -0.63
N ASP A 15 -2.02 9.15 0.65
CA ASP A 15 -1.65 10.23 1.56
C ASP A 15 -0.39 9.87 2.35
N LEU A 16 0.69 9.61 1.62
CA LEU A 16 1.97 9.23 2.24
C LEU A 16 2.46 10.33 3.18
N SER A 17 1.86 11.51 3.10
CA SER A 17 2.25 12.63 3.93
C SER A 17 2.02 12.34 5.42
N SER A 18 1.07 11.45 5.71
CA SER A 18 0.77 11.11 7.10
C SER A 18 0.81 9.60 7.34
N MET A 19 0.90 8.82 6.26
CA MET A 19 0.96 7.37 6.39
C MET A 19 2.40 6.89 6.28
N THR A 20 3.19 7.65 5.54
CA THR A 20 4.61 7.36 5.32
C THR A 20 4.95 5.90 5.60
N GLU A 21 5.41 5.62 6.82
CA GLU A 21 5.80 4.27 7.22
C GLU A 21 4.77 3.22 6.80
N GLU A 22 3.54 3.37 7.25
CA GLU A 22 2.48 2.42 6.93
C GLU A 22 2.11 2.41 5.45
N GLU A 23 2.36 3.53 4.78
CA GLU A 23 2.03 3.65 3.36
C GLU A 23 3.03 2.92 2.48
N GLN A 24 4.30 2.87 2.92
CA GLN A 24 5.35 2.21 2.16
C GLN A 24 5.45 0.74 2.57
N ILE A 25 5.09 0.46 3.81
CA ILE A 25 5.11 -0.90 4.32
C ILE A 25 3.90 -1.61 3.79
N ALA A 26 2.82 -0.85 3.67
CA ALA A 26 1.59 -1.36 3.11
C ALA A 26 1.84 -1.62 1.64
N TYR A 27 2.45 -0.64 0.99
CA TYR A 27 2.78 -0.79 -0.41
C TYR A 27 3.54 -2.10 -0.59
N ALA A 28 4.37 -2.41 0.40
CA ALA A 28 5.16 -3.63 0.39
C ALA A 28 4.27 -4.86 0.45
N MET A 29 3.31 -4.87 1.38
CA MET A 29 2.40 -6.01 1.49
C MET A 29 1.48 -6.09 0.28
N GLN A 30 1.42 -5.00 -0.49
CA GLN A 30 0.59 -4.94 -1.68
C GLN A 30 1.23 -5.76 -2.80
N MET A 31 2.49 -5.47 -3.09
CA MET A 31 3.22 -6.18 -4.13
C MET A 31 3.46 -7.62 -3.71
N SER A 32 3.51 -7.85 -2.41
CA SER A 32 3.74 -9.19 -1.88
C SER A 32 2.47 -10.03 -1.93
N LEU A 33 1.32 -9.36 -1.84
CA LEU A 33 0.04 -10.05 -1.87
C LEU A 33 -0.34 -10.42 -3.31
N GLN A 34 0.16 -9.65 -4.26
CA GLN A 34 -0.11 -9.90 -5.67
C GLN A 34 -0.20 -11.40 -5.96
N GLY A 35 0.64 -12.17 -5.28
CA GLY A 35 0.65 -13.61 -5.48
C GLY A 35 1.97 -14.24 -5.08
N ALA A 36 2.38 -14.02 -3.83
CA ALA A 36 3.63 -14.57 -3.33
C ALA A 36 4.80 -14.21 -4.23
N GLU A 37 5.41 -13.06 -3.95
CA GLU A 37 6.56 -12.59 -4.74
C GLU A 37 7.82 -12.54 -3.88
N PHE A 38 8.01 -11.41 -3.20
CA PHE A 38 9.18 -11.23 -2.35
C PHE A 38 10.40 -11.92 -2.93
N GLY A 39 10.83 -11.46 -4.11
CA GLY A 39 11.99 -12.05 -4.76
C GLY A 39 12.77 -11.04 -5.58
N GLN A 40 13.02 -11.37 -6.84
CA GLN A 40 13.76 -10.49 -7.73
C GLN A 40 13.89 -11.11 -9.12
N ALA A 41 13.54 -10.34 -10.14
CA ALA A 41 13.62 -10.81 -11.52
C ALA A 41 12.44 -11.70 -11.86
N GLU A 42 12.62 -12.57 -12.85
CA GLU A 42 11.57 -13.49 -13.27
C GLU A 42 10.88 -14.13 -12.06
N SER A 43 11.62 -14.22 -10.96
CA SER A 43 11.09 -14.80 -9.73
C SER A 43 10.96 -16.32 -9.86
N ALA A 44 10.77 -17.00 -8.73
CA ALA A 44 10.62 -18.44 -8.72
C ALA A 44 9.22 -18.86 -8.32
N ASP A 45 8.74 -18.31 -7.21
CA ASP A 45 7.40 -18.62 -6.72
C ASP A 45 6.33 -17.88 -7.51
N MET A 1 11.20 13.09 -15.08
CA MET A 1 10.03 12.59 -14.31
C MET A 1 9.12 13.73 -13.87
N THR A 2 7.83 13.45 -13.77
CA THR A 2 6.86 14.45 -13.36
C THR A 2 5.69 13.81 -12.60
N ILE A 3 5.22 12.69 -13.10
CA ILE A 3 4.12 11.98 -12.47
C ILE A 3 4.61 11.11 -11.31
N SER A 4 4.71 11.69 -10.13
CA SER A 4 5.17 10.98 -8.94
C SER A 4 4.42 9.66 -8.79
N GLN A 5 3.12 9.66 -9.11
CA GLN A 5 2.31 8.46 -9.01
C GLN A 5 1.88 8.22 -7.56
N GLN A 6 2.26 9.12 -6.66
CA GLN A 6 1.91 9.00 -5.26
C GLN A 6 1.12 10.22 -4.78
N GLU A 7 1.83 11.31 -4.53
CA GLU A 7 1.20 12.55 -4.07
C GLU A 7 0.51 13.25 -5.22
N PHE A 8 -0.78 12.99 -5.39
CA PHE A 8 -1.56 13.61 -6.46
C PHE A 8 -2.85 12.82 -6.69
N GLY A 9 -2.81 11.54 -6.33
CA GLY A 9 -3.96 10.69 -6.47
C GLY A 9 -4.59 10.38 -5.14
N ARG A 10 -5.28 11.37 -4.56
CA ARG A 10 -5.93 11.18 -3.29
C ARG A 10 -7.14 10.26 -3.46
N THR A 11 -7.43 9.91 -4.71
CA THR A 11 -8.54 9.03 -5.03
C THR A 11 -8.02 7.67 -5.51
N GLY A 12 -6.71 7.47 -5.36
CA GLY A 12 -6.10 6.23 -5.77
C GLY A 12 -6.04 5.22 -4.64
N LEU A 13 -5.76 5.73 -3.42
CA LEU A 13 -5.68 4.90 -2.22
C LEU A 13 -4.49 5.27 -1.32
N PRO A 14 -3.35 5.69 -1.90
CA PRO A 14 -2.17 6.06 -1.13
C PRO A 14 -2.23 7.48 -0.58
N ASP A 15 -2.34 7.58 0.74
CA ASP A 15 -2.39 8.87 1.40
C ASP A 15 -1.11 9.13 2.16
N LEU A 16 0.01 8.76 1.55
CA LEU A 16 1.34 8.92 2.16
C LEU A 16 1.42 10.20 3.00
N SER A 17 0.63 11.20 2.65
CA SER A 17 0.63 12.47 3.37
C SER A 17 0.86 12.26 4.87
N SER A 18 0.46 11.10 5.41
CA SER A 18 0.63 10.84 6.84
C SER A 18 0.84 9.36 7.14
N MET A 19 1.15 8.57 6.11
CA MET A 19 1.38 7.14 6.28
C MET A 19 2.87 6.82 6.21
N THR A 20 3.57 7.57 5.37
CA THR A 20 5.02 7.41 5.18
C THR A 20 5.48 5.99 5.47
N GLU A 21 5.75 5.70 6.74
CA GLU A 21 6.20 4.39 7.16
C GLU A 21 5.15 3.34 6.86
N GLU A 22 3.96 3.52 7.43
CA GLU A 22 2.86 2.59 7.19
C GLU A 22 2.55 2.52 5.70
N GLU A 23 2.98 3.53 4.96
CA GLU A 23 2.76 3.60 3.53
C GLU A 23 3.78 2.73 2.79
N GLN A 24 4.98 2.65 3.34
CA GLN A 24 6.05 1.84 2.74
C GLN A 24 5.87 0.38 3.11
N ILE A 25 5.30 0.15 4.29
CA ILE A 25 5.05 -1.19 4.76
C ILE A 25 3.80 -1.74 4.09
N ALA A 26 2.83 -0.85 3.93
CA ALA A 26 1.60 -1.18 3.27
C ALA A 26 1.88 -1.42 1.80
N TYR A 27 2.74 -0.58 1.24
CA TYR A 27 3.12 -0.73 -0.15
C TYR A 27 3.71 -2.10 -0.36
N ALA A 28 4.60 -2.50 0.56
CA ALA A 28 5.21 -3.81 0.51
C ALA A 28 4.12 -4.87 0.53
N MET A 29 3.07 -4.59 1.30
CA MET A 29 1.93 -5.49 1.41
C MET A 29 1.31 -5.72 0.03
N GLN A 30 1.30 -4.66 -0.78
CA GLN A 30 0.75 -4.72 -2.12
C GLN A 30 1.57 -5.66 -3.00
N MET A 31 2.89 -5.48 -2.97
CA MET A 31 3.79 -6.30 -3.76
C MET A 31 3.52 -7.78 -3.51
N SER A 32 3.39 -8.15 -2.24
CA SER A 32 3.12 -9.54 -1.88
C SER A 32 1.65 -9.88 -2.14
N LEU A 33 0.83 -8.85 -2.25
CA LEU A 33 -0.60 -9.02 -2.50
C LEU A 33 -0.82 -9.79 -3.81
N GLN A 34 0.22 -9.87 -4.63
CA GLN A 34 0.15 -10.57 -5.90
C GLN A 34 -0.72 -11.82 -5.79
N GLY A 35 -0.58 -12.53 -4.67
CA GLY A 35 -1.36 -13.74 -4.47
C GLY A 35 -2.85 -13.49 -4.55
N ALA A 36 -3.34 -12.54 -3.76
CA ALA A 36 -4.76 -12.21 -3.75
C ALA A 36 -5.56 -13.34 -3.11
N GLU A 37 -5.21 -13.69 -1.88
CA GLU A 37 -5.89 -14.76 -1.17
C GLU A 37 -5.08 -15.22 0.03
N PHE A 38 -4.83 -14.29 0.96
CA PHE A 38 -4.07 -14.61 2.16
C PHE A 38 -4.78 -14.11 3.42
N GLY A 39 -5.61 -14.97 3.99
CA GLY A 39 -6.35 -14.60 5.18
C GLY A 39 -5.58 -14.92 6.45
N GLN A 40 -4.28 -15.11 6.32
CA GLN A 40 -3.43 -15.42 7.47
C GLN A 40 -2.02 -14.85 7.27
N ALA A 41 -1.25 -15.49 6.40
CA ALA A 41 0.11 -15.05 6.11
C ALA A 41 0.64 -15.69 4.83
N GLU A 42 1.95 -15.83 4.73
CA GLU A 42 2.58 -16.42 3.56
C GLU A 42 2.65 -17.94 3.70
N SER A 43 1.51 -18.55 4.00
CA SER A 43 1.44 -20.00 4.15
C SER A 43 0.70 -20.63 2.99
N ALA A 44 -0.61 -20.43 2.95
CA ALA A 44 -1.45 -20.98 1.89
C ALA A 44 -1.50 -22.50 1.97
N ASP A 45 -1.08 -23.04 3.12
CA ASP A 45 -1.09 -24.48 3.33
C ASP A 45 -0.45 -25.20 2.15
N MET A 1 -12.92 4.33 -17.85
CA MET A 1 -11.74 3.44 -18.04
C MET A 1 -10.44 4.19 -17.78
N THR A 2 -9.32 3.49 -17.92
CA THR A 2 -8.02 4.09 -17.69
C THR A 2 -7.32 4.42 -19.02
N ILE A 3 -8.03 5.14 -19.88
CA ILE A 3 -7.50 5.52 -21.19
C ILE A 3 -7.58 7.02 -21.40
N SER A 4 -8.67 7.63 -20.90
CA SER A 4 -8.87 9.06 -21.04
C SER A 4 -9.11 9.72 -19.69
N GLN A 5 -8.87 11.02 -19.61
CA GLN A 5 -9.06 11.76 -18.37
C GLN A 5 -8.43 11.03 -17.19
N GLN A 6 -7.11 11.11 -17.10
CA GLN A 6 -6.38 10.45 -16.01
C GLN A 6 -6.03 11.45 -14.91
N GLU A 7 -6.78 12.54 -14.84
CA GLU A 7 -6.55 13.57 -13.84
C GLU A 7 -7.63 13.53 -12.76
N PHE A 8 -7.97 12.32 -12.32
CA PHE A 8 -8.99 12.14 -11.29
C PHE A 8 -8.38 11.54 -10.03
N GLY A 9 -7.21 10.94 -10.17
CA GLY A 9 -6.55 10.32 -9.03
C GLY A 9 -5.86 9.02 -9.39
N ARG A 10 -5.28 8.96 -10.58
CA ARG A 10 -4.59 7.77 -11.04
C ARG A 10 -5.38 6.51 -10.68
N THR A 11 -6.69 6.66 -10.57
CA THR A 11 -7.56 5.53 -10.23
C THR A 11 -6.87 4.58 -9.25
N GLY A 12 -6.71 5.04 -8.02
CA GLY A 12 -6.06 4.23 -7.00
C GLY A 12 -5.10 5.03 -6.15
N LEU A 13 -4.60 6.13 -6.69
CA LEU A 13 -3.68 6.99 -5.96
C LEU A 13 -4.05 7.06 -4.48
N PRO A 14 -3.23 6.46 -3.61
CA PRO A 14 -3.47 6.45 -2.17
C PRO A 14 -2.90 7.69 -1.48
N ASP A 15 -2.95 7.69 -0.15
CA ASP A 15 -2.44 8.81 0.62
C ASP A 15 -1.34 8.35 1.57
N LEU A 16 -0.12 8.86 1.36
CA LEU A 16 1.01 8.49 2.20
C LEU A 16 1.68 9.74 2.78
N SER A 17 1.01 10.88 2.66
CA SER A 17 1.53 12.12 3.17
C SER A 17 1.71 12.07 4.69
N SER A 18 0.95 11.21 5.34
CA SER A 18 1.02 11.06 6.79
C SER A 18 1.23 9.60 7.19
N MET A 19 1.18 8.70 6.21
CA MET A 19 1.36 7.27 6.47
C MET A 19 2.83 6.88 6.27
N THR A 20 3.50 7.59 5.38
CA THR A 20 4.91 7.35 5.08
C THR A 20 5.34 5.92 5.41
N GLU A 21 5.72 5.70 6.67
CA GLU A 21 6.16 4.39 7.12
C GLU A 21 5.10 3.33 6.90
N GLU A 22 3.93 3.52 7.51
CA GLU A 22 2.84 2.57 7.37
C GLU A 22 2.36 2.47 5.93
N GLU A 23 2.67 3.49 5.14
CA GLU A 23 2.28 3.50 3.73
C GLU A 23 3.33 2.79 2.88
N GLN A 24 4.55 2.71 3.42
CA GLN A 24 5.65 2.03 2.73
C GLN A 24 5.61 0.55 3.07
N ILE A 25 5.09 0.26 4.27
CA ILE A 25 4.95 -1.10 4.73
C ILE A 25 3.71 -1.70 4.10
N ALA A 26 2.70 -0.84 3.95
CA ALA A 26 1.46 -1.24 3.32
C ALA A 26 1.72 -1.42 1.83
N TYR A 27 2.51 -0.50 1.28
CA TYR A 27 2.87 -0.58 -0.13
C TYR A 27 3.48 -1.94 -0.41
N ALA A 28 4.43 -2.33 0.43
CA ALA A 28 5.08 -3.63 0.30
C ALA A 28 4.02 -4.72 0.37
N MET A 29 3.04 -4.52 1.25
CA MET A 29 1.96 -5.48 1.40
C MET A 29 1.34 -5.78 0.04
N GLN A 30 1.25 -4.74 -0.79
CA GLN A 30 0.69 -4.87 -2.12
C GLN A 30 1.64 -5.65 -3.03
N MET A 31 2.92 -5.32 -2.96
CA MET A 31 3.92 -5.99 -3.78
C MET A 31 3.93 -7.50 -3.49
N SER A 32 3.49 -7.87 -2.30
CA SER A 32 3.43 -9.27 -1.91
C SER A 32 2.06 -9.87 -2.17
N LEU A 33 1.05 -9.01 -2.24
CA LEU A 33 -0.31 -9.44 -2.47
C LEU A 33 -0.79 -9.00 -3.86
N GLN A 34 0.11 -9.09 -4.84
CA GLN A 34 -0.22 -8.71 -6.21
C GLN A 34 -1.23 -9.66 -6.82
N GLY A 35 -1.51 -10.75 -6.11
CA GLY A 35 -2.47 -11.73 -6.61
C GLY A 35 -1.79 -13.00 -7.10
N ALA A 36 -1.51 -13.91 -6.18
CA ALA A 36 -0.88 -15.17 -6.53
C ALA A 36 -1.53 -16.34 -5.80
N GLU A 37 -1.72 -16.19 -4.49
CA GLU A 37 -2.33 -17.23 -3.68
C GLU A 37 -2.45 -16.79 -2.22
N PHE A 38 -1.31 -16.71 -1.54
CA PHE A 38 -1.28 -16.29 -0.14
C PHE A 38 -0.50 -15.00 0.02
N GLY A 39 0.81 -15.08 -0.12
CA GLY A 39 1.65 -13.91 0.02
C GLY A 39 1.75 -13.41 1.45
N GLN A 40 2.98 -13.10 1.88
CA GLN A 40 3.21 -12.61 3.23
C GLN A 40 2.16 -11.58 3.62
N ALA A 41 1.05 -12.06 4.20
CA ALA A 41 -0.03 -11.19 4.63
C ALA A 41 -0.31 -11.35 6.12
N GLU A 42 0.33 -12.34 6.74
CA GLU A 42 0.14 -12.62 8.15
C GLU A 42 0.94 -11.63 9.00
N SER A 43 2.14 -11.30 8.55
CA SER A 43 3.01 -10.38 9.28
C SER A 43 2.20 -9.27 9.93
N ALA A 44 2.70 -8.74 11.04
CA ALA A 44 2.03 -7.68 11.76
C ALA A 44 2.01 -6.39 10.95
N ASP A 45 0.86 -6.09 10.35
CA ASP A 45 0.72 -4.88 9.55
C ASP A 45 1.05 -3.63 10.37
#